data_7XLF
#
_entry.id   7XLF
#
_cell.length_a   37.127
_cell.length_b   170.347
_cell.length_c   45.151
_cell.angle_alpha   90.000
_cell.angle_beta   104.548
_cell.angle_gamma   90.000
#
_symmetry.space_group_name_H-M   'P 1 21 1'
#
loop_
_entity.id
_entity.type
_entity.pdbx_description
1 polymer '5,10-methylenetetrahydrofolate reductase'
2 non-polymer 'FLAVIN-ADENINE DINUCLEOTIDE'
3 non-polymer '5-METHYL-5,6,7,8-TETRAHYDROFOLIC ACID'
4 non-polymer DI(HYDROXYETHYL)ETHER
5 water water
#
_entity_poly.entity_id   1
_entity_poly.type   'polypeptide(L)'
_entity_poly.pdbx_seq_one_letter_code
;SATATLDKAALSRLFTDYSLEITPKDVEALENAAHMIPPGTLISVTFLPGAEYEDRARAAKRIQELGFRPVPHLSARRLI
DEADLRTYLDMLKGVIDLKHVFVIAGDPNEPLGIYEDALALIDSGILKEYGIEHCGISGYPEGHPDITDEKLAKAMHDKV
ASLKRQGIDYSIMTQFGFDAEPVLEWLKQIRSEGIDGPVRIGLAGPASIKTLLRFAARCGVGTSAKVVKKYGLSITSLIG
SAGPDPVIEDLTPVLGPEHGQVHLHFYPFGGLVKTNEWIVNFKGKQGI
;
_entity_poly.pdbx_strand_id   A,B
#
# COMPACT_ATOMS: atom_id res chain seq x y z
N ASP A 7 -2.27 21.23 18.62
CA ASP A 7 -1.47 21.72 19.73
C ASP A 7 -0.24 20.85 19.97
N LYS A 8 0.94 21.44 19.77
CA LYS A 8 2.17 20.67 19.88
C LYS A 8 2.38 20.14 21.29
N ALA A 9 1.98 20.92 22.31
CA ALA A 9 2.14 20.46 23.68
C ALA A 9 1.25 19.27 23.98
N ALA A 10 -0.03 19.36 23.64
CA ALA A 10 -0.92 18.24 23.89
C ALA A 10 -0.53 17.04 23.05
N LEU A 11 -0.04 17.28 21.83
CA LEU A 11 0.39 16.17 20.99
C LEU A 11 1.66 15.52 21.52
N SER A 12 2.61 16.32 22.01
CA SER A 12 3.83 15.73 22.57
C SER A 12 3.52 14.91 23.82
N ARG A 13 2.56 15.33 24.63
CA ARG A 13 2.20 14.55 25.81
C ARG A 13 1.61 13.21 25.40
N LEU A 14 0.68 13.21 24.44
CA LEU A 14 0.10 11.96 23.97
C LEU A 14 1.16 11.02 23.39
N PHE A 15 2.11 11.55 22.61
CA PHE A 15 3.11 10.73 21.94
C PHE A 15 4.34 10.45 22.80
N THR A 16 4.35 10.88 24.05
CA THR A 16 5.47 10.62 24.94
C THR A 16 5.53 9.13 25.28
N ASP A 17 6.73 8.55 25.15
CA ASP A 17 6.95 7.15 25.55
C ASP A 17 5.99 6.20 24.85
N TYR A 18 5.77 6.41 23.55
CA TYR A 18 4.87 5.50 22.83
C TYR A 18 5.50 4.10 22.75
N SER A 19 4.64 3.10 22.58
CA SER A 19 5.11 1.72 22.59
C SER A 19 4.69 1.00 21.32
N LEU A 20 5.28 -0.19 21.13
CA LEU A 20 5.09 -1.03 19.95
C LEU A 20 4.79 -2.46 20.37
N GLU A 21 4.07 -3.20 19.52
CA GLU A 21 3.89 -4.63 19.64
C GLU A 21 4.57 -5.36 18.48
N ILE A 22 5.28 -6.46 18.76
CA ILE A 22 5.77 -7.33 17.71
C ILE A 22 5.33 -8.77 17.99
N THR A 23 5.34 -9.59 16.93
CA THR A 23 5.21 -11.02 17.04
C THR A 23 6.59 -11.64 16.94
N PRO A 24 6.77 -12.89 17.37
CA PRO A 24 8.11 -13.47 17.29
C PRO A 24 8.62 -13.61 15.86
N LYS A 25 7.75 -13.47 14.86
CA LYS A 25 8.15 -13.52 13.45
C LYS A 25 8.76 -12.21 12.97
N ASP A 26 8.82 -11.16 13.81
CA ASP A 26 9.14 -9.81 13.34
C ASP A 26 10.53 -9.35 13.74
N VAL A 27 11.44 -10.27 14.06
CA VAL A 27 12.75 -9.83 14.56
C VAL A 27 13.57 -9.16 13.47
N GLU A 28 13.57 -9.70 12.25
CA GLU A 28 14.30 -9.03 11.18
C GLU A 28 13.71 -7.66 10.87
N ALA A 29 12.38 -7.54 10.84
CA ALA A 29 11.78 -6.23 10.63
C ALA A 29 12.14 -5.26 11.75
N LEU A 30 12.27 -5.76 12.99
CA LEU A 30 12.63 -4.89 14.10
C LEU A 30 14.04 -4.35 13.95
N GLU A 31 14.96 -5.20 13.51
CA GLU A 31 16.33 -4.74 13.26
C GLU A 31 16.36 -3.69 12.16
N ASN A 32 15.54 -3.88 11.12
CA ASN A 32 15.44 -2.88 10.04
C ASN A 32 14.81 -1.58 10.51
N ALA A 33 13.92 -1.62 11.50
CA ALA A 33 13.27 -0.42 12.01
C ALA A 33 14.00 0.20 13.19
N ALA A 34 14.94 -0.52 13.82
CA ALA A 34 15.49 -0.09 15.10
C ALA A 34 16.03 1.34 15.05
N HIS A 35 16.66 1.74 13.95
CA HIS A 35 17.28 3.06 13.88
C HIS A 35 16.24 4.17 14.05
N MET A 36 14.99 3.92 13.70
CA MET A 36 13.92 4.90 13.88
C MET A 36 13.28 4.88 15.26
N ILE A 37 13.59 3.90 16.10
CA ILE A 37 12.87 3.69 17.35
C ILE A 37 13.67 4.35 18.48
N PRO A 38 13.05 5.21 19.30
CA PRO A 38 13.79 5.83 20.40
C PRO A 38 14.32 4.78 21.35
N PRO A 39 15.58 4.88 21.76
CA PRO A 39 16.12 3.96 22.75
C PRO A 39 15.20 3.88 23.97
N GLY A 40 15.10 2.69 24.54
CA GLY A 40 14.24 2.49 25.69
C GLY A 40 12.77 2.28 25.39
N THR A 41 12.37 2.32 24.12
CA THR A 41 10.95 2.13 23.79
C THR A 41 10.48 0.77 24.30
N LEU A 42 9.27 0.75 24.87
CA LEU A 42 8.65 -0.49 25.29
C LEU A 42 8.12 -1.24 24.07
N ILE A 43 8.52 -2.50 23.92
CA ILE A 43 8.10 -3.32 22.78
C ILE A 43 7.55 -4.64 23.31
N SER A 44 6.25 -4.88 23.11
CA SER A 44 5.66 -6.10 23.64
C SER A 44 5.81 -7.24 22.63
N VAL A 45 5.68 -8.47 23.13
CA VAL A 45 5.83 -9.69 22.33
C VAL A 45 4.57 -10.51 22.52
N THR A 46 3.84 -10.78 21.43
CA THR A 46 2.60 -11.53 21.52
C THR A 46 2.83 -12.92 22.08
N PHE A 47 1.74 -13.51 22.60
CA PHE A 47 1.69 -14.91 23.04
C PHE A 47 0.48 -15.52 22.32
N LEU A 48 0.74 -15.99 21.11
CA LEU A 48 -0.26 -16.47 20.16
C LEU A 48 0.31 -17.72 19.51
N PRO A 49 -0.55 -18.55 18.90
CA PRO A 49 -0.06 -19.80 18.31
C PRO A 49 0.97 -19.53 17.22
N GLY A 50 1.72 -20.57 16.86
CA GLY A 50 2.73 -20.49 15.83
C GLY A 50 4.14 -20.15 16.30
N ALA A 51 4.36 -20.06 17.60
CA ALA A 51 5.69 -19.81 18.14
C ALA A 51 5.88 -20.68 19.38
N GLU A 52 7.12 -21.08 19.63
CA GLU A 52 7.48 -21.76 20.86
C GLU A 52 8.14 -20.78 21.82
N TYR A 53 8.32 -21.21 23.06
CA TYR A 53 8.92 -20.33 24.06
C TYR A 53 10.26 -19.78 23.61
N GLU A 54 11.10 -20.61 22.97
CA GLU A 54 12.42 -20.11 22.58
C GLU A 54 12.31 -19.06 21.49
N ASP A 55 11.31 -19.17 20.61
CA ASP A 55 11.05 -18.13 19.63
C ASP A 55 10.69 -16.82 20.31
N ARG A 56 9.81 -16.90 21.31
CA ARG A 56 9.36 -15.69 22.00
C ARG A 56 10.49 -15.07 22.83
N ALA A 57 11.26 -15.92 23.53
CA ALA A 57 12.37 -15.42 24.34
C ALA A 57 13.46 -14.80 23.46
N ARG A 58 13.71 -15.40 22.30
CA ARG A 58 14.71 -14.85 21.38
C ARG A 58 14.32 -13.45 20.95
N ALA A 59 13.04 -13.24 20.61
CA ALA A 59 12.56 -11.93 20.23
C ALA A 59 12.69 -10.93 21.39
N ALA A 60 12.31 -11.35 22.60
CA ALA A 60 12.43 -10.45 23.73
C ALA A 60 13.89 -10.06 23.95
N LYS A 61 14.80 -11.02 23.82
CA LYS A 61 16.23 -10.76 23.99
C LYS A 61 16.75 -9.80 22.94
N ARG A 62 16.32 -9.97 21.68
CA ARG A 62 16.70 -9.04 20.61
C ARG A 62 16.19 -7.63 20.87
N ILE A 63 14.95 -7.50 21.37
CA ILE A 63 14.44 -6.18 21.76
C ILE A 63 15.38 -5.51 22.76
N GLN A 64 15.76 -6.23 23.81
CA GLN A 64 16.67 -5.68 24.81
C GLN A 64 18.03 -5.33 24.21
N GLU A 65 18.59 -6.24 23.40
CA GLU A 65 19.91 -6.00 22.81
C GLU A 65 19.92 -4.76 21.92
N LEU A 66 18.83 -4.52 21.19
CA LEU A 66 18.72 -3.34 20.34
C LEU A 66 18.49 -2.06 21.13
N GLY A 67 18.46 -2.14 22.46
CA GLY A 67 18.31 -0.96 23.29
C GLY A 67 16.89 -0.62 23.67
N PHE A 68 15.96 -1.56 23.56
CA PHE A 68 14.56 -1.34 23.90
C PHE A 68 14.18 -2.18 25.12
N ARG A 69 12.96 -1.98 25.61
CA ARG A 69 12.50 -2.70 26.79
C ARG A 69 11.43 -3.71 26.40
N PRO A 70 11.69 -5.01 26.52
CA PRO A 70 10.68 -6.01 26.14
C PRO A 70 9.59 -6.16 27.17
N VAL A 71 8.39 -6.43 26.67
CA VAL A 71 7.21 -6.67 27.49
C VAL A 71 6.56 -7.97 27.01
N PRO A 72 6.96 -9.13 27.51
CA PRO A 72 6.34 -10.38 27.06
C PRO A 72 4.87 -10.46 27.48
N HIS A 73 4.00 -10.80 26.52
CA HIS A 73 2.63 -11.13 26.87
C HIS A 73 2.59 -12.53 27.48
N LEU A 74 1.72 -12.70 28.46
CA LEU A 74 1.38 -14.00 29.03
C LEU A 74 -0.10 -14.23 28.79
N SER A 75 -0.42 -15.29 28.05
CA SER A 75 -1.80 -15.61 27.70
C SER A 75 -2.27 -16.75 28.61
N ALA A 76 -3.08 -16.40 29.62
CA ALA A 76 -3.41 -17.33 30.69
C ALA A 76 -4.05 -18.63 30.16
N ARG A 77 -5.05 -18.51 29.27
CA ARG A 77 -5.81 -19.69 28.84
C ARG A 77 -5.01 -20.61 27.92
N ARG A 78 -3.84 -20.17 27.45
CA ARG A 78 -2.98 -20.96 26.59
C ARG A 78 -1.91 -21.73 27.36
N LEU A 79 -1.92 -21.65 28.69
CA LEU A 79 -0.93 -22.28 29.54
C LEU A 79 -1.54 -23.49 30.23
N ILE A 80 -0.77 -24.58 30.36
CA ILE A 80 -1.30 -25.80 30.98
C ILE A 80 -1.35 -25.68 32.50
N ASP A 81 -0.22 -25.35 33.11
CA ASP A 81 -0.12 -25.37 34.57
C ASP A 81 1.01 -24.45 34.97
N GLU A 82 1.29 -24.39 36.29
CA GLU A 82 2.36 -23.52 36.77
CA GLU A 82 2.36 -23.50 36.74
C GLU A 82 3.71 -23.93 36.18
N ALA A 83 3.94 -25.24 36.02
CA ALA A 83 5.23 -25.65 35.47
C ALA A 83 5.41 -25.13 34.04
N ASP A 84 4.35 -25.16 33.25
CA ASP A 84 4.38 -24.65 31.88
C ASP A 84 4.74 -23.16 31.88
N LEU A 85 4.04 -22.37 32.70
CA LEU A 85 4.33 -20.95 32.78
C LEU A 85 5.76 -20.70 33.25
N ARG A 86 6.22 -21.48 34.25
CA ARG A 86 7.58 -21.29 34.76
C ARG A 86 8.62 -21.57 33.68
N THR A 87 8.37 -22.55 32.82
CA THR A 87 9.25 -22.78 31.67
C THR A 87 9.53 -21.49 30.92
N TYR A 88 8.48 -20.72 30.62
CA TYR A 88 8.63 -19.48 29.87
C TYR A 88 9.27 -18.38 30.71
N LEU A 89 8.81 -18.21 31.97
CA LEU A 89 9.39 -17.18 32.81
C LEU A 89 10.86 -17.46 33.12
N ASP A 90 11.19 -18.72 33.43
CA ASP A 90 12.59 -19.07 33.64
C ASP A 90 13.43 -18.69 32.44
N MET A 91 12.93 -19.01 31.25
CA MET A 91 13.71 -18.77 30.05
C MET A 91 13.85 -17.26 29.78
N LEU A 92 12.78 -16.49 30.03
CA LEU A 92 12.87 -15.02 29.91
C LEU A 92 13.85 -14.44 30.91
N LYS A 93 13.73 -14.85 32.17
CA LYS A 93 14.53 -14.28 33.25
C LYS A 93 16.02 -14.49 33.00
N GLY A 94 16.39 -15.57 32.33
CA GLY A 94 17.79 -15.83 32.05
C GLY A 94 18.41 -14.96 30.98
N VAL A 95 17.59 -14.29 30.16
CA VAL A 95 18.10 -13.52 29.03
C VAL A 95 17.68 -12.06 29.04
N ILE A 96 16.63 -11.66 29.75
CA ILE A 96 16.21 -10.27 29.79
C ILE A 96 16.00 -9.83 31.23
N ASP A 97 16.04 -8.51 31.42
CA ASP A 97 15.66 -7.84 32.66
C ASP A 97 14.15 -7.91 32.76
N LEU A 98 13.65 -8.98 33.38
CA LEU A 98 12.22 -9.31 33.38
C LEU A 98 11.52 -8.43 34.41
N LYS A 99 11.17 -7.21 33.98
CA LYS A 99 10.53 -6.23 34.86
C LYS A 99 9.10 -5.87 34.47
N HIS A 100 8.73 -6.07 33.20
CA HIS A 100 7.44 -5.71 32.61
C HIS A 100 6.84 -6.94 31.95
N VAL A 101 5.58 -7.26 32.26
CA VAL A 101 4.83 -8.24 31.50
C VAL A 101 3.46 -7.64 31.19
N PHE A 102 2.75 -8.31 30.28
CA PHE A 102 1.39 -7.94 29.94
C PHE A 102 0.59 -9.24 29.98
N VAL A 103 -0.42 -9.31 30.84
CA VAL A 103 -1.16 -10.54 31.11
C VAL A 103 -2.58 -10.44 30.56
N ILE A 104 -2.96 -11.39 29.72
CA ILE A 104 -4.32 -11.46 29.20
C ILE A 104 -4.88 -12.85 29.44
N ALA A 105 -6.22 -12.95 29.37
CA ALA A 105 -6.87 -14.25 29.41
C ALA A 105 -6.47 -15.11 28.20
N GLY A 106 -6.36 -14.49 27.03
CA GLY A 106 -6.12 -15.25 25.82
C GLY A 106 -7.43 -15.57 25.09
N ASP A 107 -7.35 -15.62 23.75
CA ASP A 107 -8.53 -15.77 22.88
C ASP A 107 -9.29 -17.10 22.92
N PRO A 108 -8.68 -18.26 23.22
CA PRO A 108 -9.48 -19.51 23.18
C PRO A 108 -10.71 -19.43 24.08
N ASN A 109 -11.83 -19.97 23.58
CA ASN A 109 -13.07 -19.96 24.35
C ASN A 109 -13.05 -20.96 25.49
N GLU A 110 -12.05 -21.83 25.53
CA GLU A 110 -11.90 -22.85 26.56
C GLU A 110 -10.44 -22.81 27.03
N PRO A 111 -10.19 -22.61 28.32
CA PRO A 111 -8.80 -22.63 28.79
C PRO A 111 -8.18 -24.00 28.60
N LEU A 112 -6.87 -24.01 28.40
CA LEU A 112 -6.11 -25.24 28.28
C LEU A 112 -5.66 -25.77 29.63
N GLY A 113 -5.82 -25.00 30.70
CA GLY A 113 -5.23 -25.42 31.96
C GLY A 113 -5.81 -24.78 33.20
N ILE A 114 -4.93 -24.42 34.14
CA ILE A 114 -5.36 -24.00 35.46
C ILE A 114 -5.74 -22.53 35.56
N TYR A 115 -5.46 -21.73 34.53
CA TYR A 115 -5.69 -20.28 34.55
C TYR A 115 -6.86 -19.95 33.62
N GLU A 116 -8.02 -19.62 34.20
CA GLU A 116 -9.19 -19.36 33.37
C GLU A 116 -9.18 -17.95 32.76
N ASP A 117 -8.39 -17.04 33.32
CA ASP A 117 -8.36 -15.66 32.87
C ASP A 117 -7.10 -15.02 33.44
N ALA A 118 -6.89 -13.74 33.11
CA ALA A 118 -5.67 -13.06 33.51
C ALA A 118 -5.58 -12.94 35.03
N LEU A 119 -6.72 -12.72 35.69
CA LEU A 119 -6.74 -12.65 37.15
C LEU A 119 -6.19 -13.93 37.78
N ALA A 120 -6.59 -15.09 37.27
CA ALA A 120 -6.10 -16.34 37.86
C ALA A 120 -4.57 -16.38 37.88
N LEU A 121 -3.94 -15.97 36.78
CA LEU A 121 -2.47 -15.93 36.73
C LEU A 121 -1.92 -14.86 37.67
N ILE A 122 -2.40 -13.62 37.52
CA ILE A 122 -1.89 -12.49 38.29
C ILE A 122 -2.00 -12.77 39.78
N ASP A 123 -3.12 -13.33 40.21
CA ASP A 123 -3.36 -13.43 41.64
C ASP A 123 -2.69 -14.65 42.25
N SER A 124 -2.06 -15.50 41.43
CA SER A 124 -1.40 -16.69 41.95
C SER A 124 -0.10 -16.36 42.64
N GLY A 125 0.42 -15.14 42.48
CA GLY A 125 1.66 -14.73 43.08
C GLY A 125 2.89 -14.91 42.22
N ILE A 126 2.80 -15.71 41.16
CA ILE A 126 3.96 -16.08 40.34
C ILE A 126 4.69 -14.86 39.79
N LEU A 127 3.98 -13.75 39.52
CA LEU A 127 4.67 -12.59 38.98
C LEU A 127 5.61 -11.97 40.01
N LYS A 128 5.18 -11.91 41.28
CA LYS A 128 6.04 -11.33 42.31
C LYS A 128 7.29 -12.17 42.49
N GLU A 129 7.13 -13.50 42.42
CA GLU A 129 8.24 -14.41 42.60
C GLU A 129 9.34 -14.17 41.56
N TYR A 130 8.97 -13.77 40.34
CA TYR A 130 9.96 -13.50 39.30
C TYR A 130 10.42 -12.04 39.28
N GLY A 131 10.03 -11.24 40.27
CA GLY A 131 10.52 -9.88 40.34
C GLY A 131 9.87 -8.89 39.41
N ILE A 132 8.72 -9.24 38.81
CA ILE A 132 8.01 -8.29 37.97
C ILE A 132 7.61 -7.06 38.78
N GLU A 133 7.87 -5.89 38.19
CA GLU A 133 7.57 -4.59 38.80
C GLU A 133 6.40 -3.89 38.12
N HIS A 134 6.07 -4.28 36.90
CA HIS A 134 5.02 -3.65 36.11
C HIS A 134 4.25 -4.72 35.39
N CYS A 135 2.93 -4.73 35.58
CA CYS A 135 2.05 -5.67 34.91
C CYS A 135 1.00 -4.89 34.13
N GLY A 136 0.98 -5.05 32.82
CA GLY A 136 -0.08 -4.43 32.03
C GLY A 136 -1.28 -5.35 31.92
N ILE A 137 -2.47 -4.74 31.78
CA ILE A 137 -3.72 -5.45 31.62
C ILE A 137 -4.52 -4.78 30.51
N SER A 138 -5.57 -5.46 30.07
CA SER A 138 -6.32 -5.03 28.90
C SER A 138 -7.33 -3.95 29.26
N GLY A 139 -7.82 -3.27 28.22
CA GLY A 139 -8.96 -2.39 28.36
C GLY A 139 -9.72 -2.37 27.05
N TYR A 140 -11.06 -2.29 27.11
CA TYR A 140 -11.88 -2.37 25.90
C TYR A 140 -12.84 -1.19 25.86
N PRO A 141 -12.43 -0.07 25.27
CA PRO A 141 -13.34 1.08 25.14
C PRO A 141 -14.65 0.74 24.46
N GLU A 142 -14.66 -0.21 23.52
CA GLU A 142 -15.90 -0.59 22.86
C GLU A 142 -16.49 -1.87 23.41
N GLY A 143 -16.09 -2.30 24.60
CA GLY A 143 -16.58 -3.57 25.08
C GLY A 143 -15.99 -4.72 24.28
N HIS A 144 -16.55 -5.90 24.49
CA HIS A 144 -15.95 -7.16 24.05
C HIS A 144 -17.06 -8.05 23.49
N PRO A 145 -16.83 -8.75 22.38
CA PRO A 145 -17.90 -9.56 21.78
C PRO A 145 -18.35 -10.74 22.63
N ASP A 146 -17.52 -11.25 23.55
CA ASP A 146 -17.86 -12.45 24.33
C ASP A 146 -17.99 -12.20 25.83
N ILE A 147 -17.72 -10.99 26.31
CA ILE A 147 -17.69 -10.67 27.73
C ILE A 147 -18.54 -9.43 27.96
N THR A 148 -19.39 -9.46 28.99
CA THR A 148 -20.25 -8.31 29.27
C THR A 148 -19.41 -7.13 29.78
N ASP A 149 -19.97 -5.92 29.61
CA ASP A 149 -19.31 -4.75 30.18
C ASP A 149 -19.11 -4.93 31.68
N GLU A 150 -20.08 -5.56 32.34
CA GLU A 150 -20.00 -5.74 33.79
C GLU A 150 -18.81 -6.63 34.15
N LYS A 151 -18.68 -7.75 33.46
CA LYS A 151 -17.58 -8.65 33.74
C LYS A 151 -16.25 -8.00 33.38
N LEU A 152 -16.23 -7.23 32.29
CA LEU A 152 -15.01 -6.51 31.95
C LEU A 152 -14.60 -5.56 33.07
N ALA A 153 -15.57 -4.82 33.64
CA ALA A 153 -15.23 -3.85 34.67
C ALA A 153 -14.79 -4.53 35.96
N LYS A 154 -15.48 -5.62 36.33
CA LYS A 154 -15.09 -6.36 37.52
C LYS A 154 -13.70 -6.98 37.37
N ALA A 155 -13.38 -7.54 36.19
CA ALA A 155 -12.04 -8.07 35.99
C ALA A 155 -10.98 -6.98 36.13
N MET A 156 -11.21 -5.80 35.54
CA MET A 156 -10.26 -4.70 35.68
C MET A 156 -10.04 -4.33 37.16
N HIS A 157 -11.14 -4.14 37.89
CA HIS A 157 -11.04 -3.86 39.32
C HIS A 157 -10.26 -4.94 40.04
N ASP A 158 -10.60 -6.20 39.81
CA ASP A 158 -10.00 -7.31 40.56
C ASP A 158 -8.52 -7.48 40.23
N LYS A 159 -8.13 -7.31 38.98
CA LYS A 159 -6.72 -7.40 38.62
C LYS A 159 -5.94 -6.26 39.25
N VAL A 160 -6.49 -5.04 39.21
CA VAL A 160 -5.83 -3.90 39.85
C VAL A 160 -5.66 -4.16 41.36
N ALA A 161 -6.73 -4.63 42.01
CA ALA A 161 -6.65 -4.93 43.44
C ALA A 161 -5.58 -5.98 43.74
N SER A 162 -5.50 -7.02 42.91
CA SER A 162 -4.49 -8.08 43.12
C SER A 162 -3.08 -7.54 42.97
N LEU A 163 -2.85 -6.71 41.95
CA LEU A 163 -1.51 -6.15 41.75
C LEU A 163 -1.16 -5.17 42.85
N LYS A 164 -2.14 -4.38 43.29
CA LYS A 164 -1.94 -3.50 44.43
C LYS A 164 -1.59 -4.30 45.67
N ARG A 165 -2.33 -5.38 45.94
CA ARG A 165 -2.02 -6.22 47.09
C ARG A 165 -0.58 -6.72 47.04
N GLN A 166 -0.10 -7.02 45.84
CA GLN A 166 1.22 -7.62 45.68
C GLN A 166 2.32 -6.59 45.55
N GLY A 167 1.98 -5.30 45.55
CA GLY A 167 3.01 -4.29 45.37
C GLY A 167 3.60 -4.22 43.98
N ILE A 168 2.83 -4.57 42.95
CA ILE A 168 3.27 -4.50 41.56
C ILE A 168 2.48 -3.40 40.85
N ASP A 169 3.19 -2.48 40.20
CA ASP A 169 2.51 -1.42 39.42
C ASP A 169 1.75 -1.99 38.24
N TYR A 170 0.74 -1.25 37.81
CA TYR A 170 -0.05 -1.69 36.67
C TYR A 170 -0.19 -0.57 35.65
N SER A 171 -0.47 -0.99 34.41
CA SER A 171 -0.90 -0.08 33.37
C SER A 171 -1.95 -0.80 32.56
N ILE A 172 -2.63 -0.04 31.69
CA ILE A 172 -3.69 -0.57 30.84
C ILE A 172 -3.26 -0.28 29.40
N MET A 173 -3.38 -1.28 28.53
CA MET A 173 -3.31 -1.03 27.10
C MET A 173 -4.63 -1.42 26.47
N THR A 174 -5.21 -0.52 25.68
CA THR A 174 -6.53 -0.77 25.14
C THR A 174 -6.50 -1.50 23.81
N GLN A 175 -7.59 -2.22 23.53
CA GLN A 175 -7.84 -2.74 22.21
C GLN A 175 -7.81 -1.60 21.20
N PHE A 176 -7.32 -1.87 19.98
CA PHE A 176 -7.35 -0.78 19.01
C PHE A 176 -8.80 -0.46 18.61
N GLY A 177 -8.98 0.76 18.10
CA GLY A 177 -10.28 1.19 17.64
C GLY A 177 -10.10 2.28 16.61
N PHE A 178 -11.20 2.60 15.93
CA PHE A 178 -11.18 3.55 14.82
C PHE A 178 -11.91 4.84 15.16
N ASP A 179 -12.21 5.08 16.43
CA ASP A 179 -13.03 6.22 16.83
C ASP A 179 -12.52 6.73 18.18
N ALA A 180 -12.32 8.04 18.27
CA ALA A 180 -11.84 8.59 19.54
C ALA A 180 -12.94 8.70 20.59
N GLU A 181 -14.21 8.84 20.19
CA GLU A 181 -15.28 9.03 21.17
C GLU A 181 -15.40 7.90 22.18
N PRO A 182 -15.46 6.63 21.79
CA PRO A 182 -15.57 5.59 22.83
C PRO A 182 -14.33 5.54 23.72
N VAL A 183 -13.15 5.86 23.19
CA VAL A 183 -11.93 5.89 24.00
C VAL A 183 -12.02 6.99 25.06
N LEU A 184 -12.54 8.17 24.67
CA LEU A 184 -12.60 9.28 25.61
C LEU A 184 -13.65 9.03 26.69
N GLU A 185 -14.79 8.45 26.29
CA GLU A 185 -15.86 8.16 27.25
C GLU A 185 -15.45 7.04 28.20
N TRP A 186 -14.72 6.05 27.70
CA TRP A 186 -14.30 4.93 28.54
C TRP A 186 -13.20 5.37 29.51
N LEU A 187 -12.29 6.24 29.07
CA LEU A 187 -11.31 6.80 29.98
C LEU A 187 -12.00 7.50 31.15
N LYS A 188 -13.07 8.25 30.89
CA LYS A 188 -13.81 8.86 31.99
C LYS A 188 -14.38 7.78 32.91
N GLN A 189 -15.03 6.77 32.35
CA GLN A 189 -15.66 5.74 33.16
C GLN A 189 -14.66 5.08 34.10
N ILE A 190 -13.50 4.67 33.57
CA ILE A 190 -12.59 3.90 34.42
C ILE A 190 -11.93 4.78 35.48
N ARG A 191 -11.63 6.03 35.15
CA ARG A 191 -11.19 6.94 36.21
C ARG A 191 -12.29 7.24 37.21
N SER A 192 -13.55 7.24 36.76
CA SER A 192 -14.62 7.44 37.73
C SER A 192 -14.72 6.24 38.68
N GLU A 193 -14.58 5.02 38.14
CA GLU A 193 -14.53 3.80 38.95
C GLU A 193 -13.23 3.69 39.81
N GLY A 194 -12.33 4.67 39.89
CA GLY A 194 -11.17 4.61 40.76
C GLY A 194 -9.87 4.22 40.08
N ILE A 195 -9.93 3.63 38.88
CA ILE A 195 -8.75 3.24 38.13
C ILE A 195 -8.01 4.48 37.61
N ASP A 196 -6.91 4.83 38.26
CA ASP A 196 -6.16 6.04 37.93
C ASP A 196 -4.81 5.76 37.26
N GLY A 197 -4.45 4.50 37.02
CA GLY A 197 -3.14 4.17 36.49
C GLY A 197 -2.95 4.57 35.03
N PRO A 198 -1.70 4.47 34.55
CA PRO A 198 -1.39 4.91 33.19
C PRO A 198 -2.09 4.02 32.16
N VAL A 199 -2.53 4.66 31.09
CA VAL A 199 -3.25 4.01 30.00
C VAL A 199 -2.51 4.27 28.70
N ARG A 200 -2.42 3.23 27.87
CA ARG A 200 -1.94 3.32 26.49
C ARG A 200 -3.10 3.02 25.57
N ILE A 201 -3.48 3.99 24.74
CA ILE A 201 -4.53 3.79 23.75
C ILE A 201 -3.94 2.99 22.57
N GLY A 202 -4.51 1.83 22.31
CA GLY A 202 -4.07 1.05 21.16
C GLY A 202 -4.49 1.71 19.85
N LEU A 203 -3.54 1.83 18.93
CA LEU A 203 -3.81 2.37 17.60
C LEU A 203 -3.35 1.36 16.57
N ALA A 204 -4.17 1.12 15.56
CA ALA A 204 -3.74 0.36 14.40
C ALA A 204 -2.79 1.21 13.56
N GLY A 205 -1.60 0.71 13.29
CA GLY A 205 -0.69 1.40 12.42
C GLY A 205 -1.25 1.53 11.01
N PRO A 206 -0.59 2.34 10.18
CA PRO A 206 -1.00 2.46 8.77
C PRO A 206 -0.92 1.10 8.09
N ALA A 207 -1.98 0.77 7.35
CA ALA A 207 -2.04 -0.51 6.66
C ALA A 207 -3.08 -0.44 5.55
N SER A 208 -3.09 -1.47 4.70
CA SER A 208 -4.17 -1.56 3.71
C SER A 208 -5.51 -1.73 4.42
N ILE A 209 -6.55 -1.20 3.79
CA ILE A 209 -7.89 -1.25 4.37
C ILE A 209 -8.34 -2.69 4.54
N LYS A 210 -8.00 -3.55 3.58
CA LYS A 210 -8.28 -4.97 3.71
C LYS A 210 -7.62 -5.55 4.96
N THR A 211 -6.34 -5.25 5.17
CA THR A 211 -5.66 -5.72 6.39
C THR A 211 -6.33 -5.18 7.64
N LEU A 212 -6.69 -3.90 7.66
CA LEU A 212 -7.30 -3.33 8.86
C LEU A 212 -8.65 -3.96 9.15
N LEU A 213 -9.49 -4.09 8.13
CA LEU A 213 -10.77 -4.75 8.32
C LEU A 213 -10.59 -6.21 8.74
N ARG A 214 -9.55 -6.88 8.25
CA ARG A 214 -9.28 -8.27 8.61
C ARG A 214 -8.99 -8.39 10.10
N PHE A 215 -7.95 -7.71 10.58
CA PHE A 215 -7.63 -7.71 12.00
C PHE A 215 -8.81 -7.25 12.85
N ALA A 216 -9.53 -6.22 12.40
CA ALA A 216 -10.67 -5.73 13.17
C ALA A 216 -11.73 -6.82 13.32
N ALA A 217 -12.00 -7.56 12.25
CA ALA A 217 -12.96 -8.65 12.34
C ALA A 217 -12.42 -9.76 13.24
N ARG A 218 -11.15 -10.13 13.07
CA ARG A 218 -10.57 -11.21 13.84
C ARG A 218 -10.40 -10.85 15.31
N CYS A 219 -10.27 -9.57 15.64
CA CYS A 219 -10.18 -9.14 17.03
C CYS A 219 -11.50 -8.59 17.56
N GLY A 220 -12.56 -8.60 16.76
CA GLY A 220 -13.85 -8.12 17.24
C GLY A 220 -13.95 -6.62 17.46
N VAL A 221 -13.33 -5.82 16.59
CA VAL A 221 -13.36 -4.36 16.69
C VAL A 221 -14.37 -3.82 15.70
N GLY A 222 -15.20 -2.87 16.16
CA GLY A 222 -16.35 -2.46 15.37
C GLY A 222 -15.99 -1.48 14.27
N THR A 223 -16.82 -1.50 13.21
CA THR A 223 -16.65 -0.64 12.04
C THR A 223 -18.05 -0.20 11.60
N SER A 224 -18.64 0.72 12.36
CA SER A 224 -19.89 1.34 11.97
C SER A 224 -19.72 2.13 10.67
N ALA A 225 -20.85 2.44 10.04
CA ALA A 225 -20.81 3.19 8.78
C ALA A 225 -20.15 4.56 8.97
N LYS A 226 -20.52 5.27 10.04
CA LYS A 226 -19.94 6.59 10.27
C LYS A 226 -18.44 6.49 10.52
N VAL A 227 -18.00 5.42 11.18
CA VAL A 227 -16.56 5.26 11.44
C VAL A 227 -15.82 4.91 10.16
N VAL A 228 -16.40 4.04 9.34
CA VAL A 228 -15.78 3.68 8.06
C VAL A 228 -15.53 4.94 7.23
N LYS A 229 -16.47 5.88 7.26
CA LYS A 229 -16.33 7.10 6.49
C LYS A 229 -15.25 8.00 7.08
N LYS A 230 -15.24 8.15 8.41
CA LYS A 230 -14.32 9.11 9.02
C LYS A 230 -12.89 8.60 9.00
N TYR A 231 -12.69 7.33 9.35
CA TYR A 231 -11.34 6.77 9.40
C TYR A 231 -10.82 6.45 8.01
N GLY A 232 -11.71 6.14 7.08
CA GLY A 232 -11.34 5.88 5.70
C GLY A 232 -11.11 4.40 5.46
N LEU A 233 -12.15 3.59 5.63
CA LEU A 233 -12.04 2.14 5.57
C LEU A 233 -12.97 1.54 4.53
N SER A 234 -13.28 2.31 3.49
CA SER A 234 -14.15 1.83 2.42
C SER A 234 -13.40 0.89 1.48
N ILE A 235 -14.05 -0.20 1.08
CA ILE A 235 -13.48 -1.04 0.03
C ILE A 235 -13.48 -0.33 -1.32
N THR A 236 -14.19 0.79 -1.45
CA THR A 236 -14.15 1.58 -2.67
C THR A 236 -13.13 2.70 -2.60
N SER A 237 -12.35 2.76 -1.53
CA SER A 237 -11.32 3.78 -1.37
C SER A 237 -10.42 3.82 -2.58
N LEU A 238 -10.10 5.03 -3.04
CA LEU A 238 -9.05 5.20 -4.04
C LEU A 238 -7.66 5.05 -3.46
N ILE A 239 -7.51 5.22 -2.15
CA ILE A 239 -6.19 5.16 -1.53
C ILE A 239 -5.80 3.72 -1.21
N GLY A 240 -6.72 2.97 -0.60
CA GLY A 240 -6.52 1.57 -0.32
C GLY A 240 -5.88 1.26 1.01
N SER A 241 -5.53 2.29 1.78
CA SER A 241 -4.84 2.17 3.05
C SER A 241 -5.31 3.28 3.97
N ALA A 242 -5.02 3.14 5.27
CA ALA A 242 -5.47 4.10 6.26
C ALA A 242 -4.53 4.11 7.46
N GLY A 243 -4.28 5.31 8.00
CA GLY A 243 -3.50 5.47 9.20
C GLY A 243 -4.34 6.00 10.36
N PRO A 244 -3.76 6.04 11.55
CA PRO A 244 -4.54 6.39 12.76
C PRO A 244 -4.66 7.88 13.04
N ASP A 245 -4.18 8.74 12.13
CA ASP A 245 -4.27 10.17 12.39
C ASP A 245 -5.67 10.70 12.68
N PRO A 246 -6.77 10.18 12.11
CA PRO A 246 -8.08 10.72 12.51
C PRO A 246 -8.41 10.55 13.99
N VAL A 247 -8.00 9.43 14.61
CA VAL A 247 -8.23 9.26 16.05
C VAL A 247 -7.30 10.16 16.84
N ILE A 248 -6.02 10.22 16.45
CA ILE A 248 -5.06 11.06 17.17
C ILE A 248 -5.52 12.51 17.16
N GLU A 249 -5.95 13.01 15.99
CA GLU A 249 -6.38 14.40 15.88
C GLU A 249 -7.69 14.66 16.62
N ASP A 250 -8.50 13.62 16.83
CA ASP A 250 -9.71 13.81 17.63
C ASP A 250 -9.42 13.74 19.13
N LEU A 251 -8.43 12.94 19.54
CA LEU A 251 -8.07 12.82 20.95
C LEU A 251 -7.31 14.04 21.44
N THR A 252 -6.30 14.47 20.69
CA THR A 252 -5.32 15.43 21.22
C THR A 252 -5.95 16.69 21.80
N PRO A 253 -6.95 17.33 21.18
CA PRO A 253 -7.51 18.55 21.81
C PRO A 253 -8.32 18.27 23.06
N VAL A 254 -8.84 17.06 23.23
CA VAL A 254 -9.86 16.79 24.22
C VAL A 254 -9.32 16.14 25.49
N LEU A 255 -8.11 15.59 25.44
CA LEU A 255 -7.51 15.01 26.65
C LEU A 255 -7.18 16.11 27.66
N GLY A 256 -7.46 15.84 28.92
CA GLY A 256 -7.16 16.78 29.96
C GLY A 256 -6.67 16.08 31.21
N PRO A 257 -6.44 16.86 32.28
CA PRO A 257 -5.88 16.27 33.51
C PRO A 257 -6.71 15.14 34.08
N GLU A 258 -8.03 15.19 33.91
CA GLU A 258 -8.92 14.19 34.48
C GLU A 258 -8.75 12.81 33.83
N HIS A 259 -8.03 12.73 32.70
CA HIS A 259 -7.77 11.46 32.03
C HIS A 259 -6.52 10.76 32.53
N GLY A 260 -5.79 11.34 33.50
CA GLY A 260 -4.57 10.70 33.98
C GLY A 260 -3.54 10.62 32.86
N GLN A 261 -2.54 9.75 33.06
CA GLN A 261 -1.48 9.60 32.06
C GLN A 261 -1.98 8.76 30.90
N VAL A 262 -1.85 9.30 29.69
CA VAL A 262 -2.48 8.70 28.51
C VAL A 262 -1.46 8.72 27.38
N HIS A 263 -0.94 7.54 27.03
CA HIS A 263 0.06 7.39 25.97
C HIS A 263 -0.50 6.50 24.86
N LEU A 264 0.35 6.15 23.89
CA LEU A 264 -0.08 5.44 22.70
C LEU A 264 0.66 4.12 22.56
N HIS A 265 -0.04 3.11 22.02
CA HIS A 265 0.52 1.80 21.72
C HIS A 265 0.17 1.45 20.28
N PHE A 266 1.17 1.21 19.43
CA PHE A 266 0.91 0.99 18.01
C PHE A 266 0.99 -0.50 17.67
N TYR A 267 -0.07 -1.02 17.03
CA TYR A 267 -0.05 -2.36 16.46
C TYR A 267 0.39 -2.29 15.01
N PRO A 268 1.57 -2.81 14.66
CA PRO A 268 2.12 -2.60 13.31
C PRO A 268 1.55 -3.59 12.29
N PHE A 269 0.22 -3.55 12.12
CA PHE A 269 -0.46 -4.45 11.18
C PHE A 269 0.04 -4.27 9.76
N GLY A 270 0.52 -3.08 9.40
CA GLY A 270 1.06 -2.86 8.07
C GLY A 270 2.54 -3.09 7.96
N GLY A 271 3.18 -3.62 9.00
CA GLY A 271 4.62 -3.81 9.02
C GLY A 271 5.32 -2.83 9.94
N LEU A 272 6.38 -3.32 10.60
CA LEU A 272 7.02 -2.55 11.64
C LEU A 272 7.78 -1.36 11.08
N VAL A 273 8.49 -1.56 9.97
CA VAL A 273 9.21 -0.45 9.33
C VAL A 273 8.23 0.61 8.87
N LYS A 274 7.16 0.18 8.21
CA LYS A 274 6.17 1.14 7.72
C LYS A 274 5.52 1.89 8.87
N THR A 275 5.30 1.20 9.99
CA THR A 275 4.65 1.82 11.13
C THR A 275 5.53 2.89 11.76
N ASN A 276 6.82 2.59 11.91
CA ASN A 276 7.72 3.55 12.53
C ASN A 276 8.02 4.72 11.60
N GLU A 277 8.15 4.46 10.30
CA GLU A 277 8.26 5.55 9.35
C GLU A 277 7.10 6.52 9.49
N TRP A 278 5.87 5.99 9.61
CA TRP A 278 4.69 6.82 9.76
C TRP A 278 4.79 7.67 11.02
N ILE A 279 5.21 7.05 12.13
CA ILE A 279 5.34 7.77 13.39
C ILE A 279 6.32 8.92 13.24
N VAL A 280 7.50 8.63 12.70
CA VAL A 280 8.52 9.67 12.50
C VAL A 280 8.01 10.76 11.58
N ASN A 281 7.40 10.37 10.45
CA ASN A 281 6.90 11.37 9.51
C ASN A 281 5.74 12.16 10.10
N PHE A 282 4.81 11.49 10.78
CA PHE A 282 3.71 12.21 11.44
C PHE A 282 4.23 13.22 12.47
N LYS A 283 5.17 12.80 13.31
CA LYS A 283 5.71 13.73 14.29
C LYS A 283 6.37 14.92 13.59
N GLY A 284 7.10 14.65 12.50
CA GLY A 284 7.73 15.72 11.76
C GLY A 284 6.74 16.68 11.14
N LYS A 285 5.65 16.17 10.57
CA LYS A 285 4.64 17.04 9.98
C LYS A 285 4.01 17.93 11.05
N GLN A 286 3.84 17.41 12.25
CA GLN A 286 3.21 18.16 13.33
C GLN A 286 4.17 19.04 14.11
N GLY A 287 5.47 18.95 13.83
CA GLY A 287 6.45 19.72 14.56
C GLY A 287 6.71 19.28 15.99
N ILE A 288 6.64 17.97 16.28
CA ILE A 288 7.02 17.52 17.62
C ILE A 288 8.14 16.47 17.56
N LEU B 6 -15.46 17.69 -10.67
CA LEU B 6 -15.21 17.59 -12.11
C LEU B 6 -16.52 17.39 -12.89
N ASP B 7 -16.61 18.05 -14.04
CA ASP B 7 -17.76 17.85 -14.93
C ASP B 7 -17.84 16.40 -15.40
N LYS B 8 -18.97 15.75 -15.13
CA LYS B 8 -19.10 14.34 -15.46
C LYS B 8 -19.03 14.10 -16.97
N ALA B 9 -19.59 15.01 -17.76
CA ALA B 9 -19.59 14.79 -19.21
C ALA B 9 -18.16 14.81 -19.76
N ALA B 10 -17.35 15.80 -19.34
CA ALA B 10 -15.97 15.88 -19.80
C ALA B 10 -15.15 14.70 -19.31
N LEU B 11 -15.48 14.17 -18.14
CA LEU B 11 -14.70 13.08 -17.58
C LEU B 11 -15.11 11.75 -18.19
N SER B 12 -16.41 11.54 -18.40
CA SER B 12 -16.84 10.37 -19.16
C SER B 12 -16.20 10.35 -20.54
N ARG B 13 -16.05 11.53 -21.14
CA ARG B 13 -15.42 11.65 -22.45
C ARG B 13 -13.97 11.18 -22.41
N LEU B 14 -13.21 11.66 -21.43
CA LEU B 14 -11.79 11.33 -21.36
C LEU B 14 -11.56 9.86 -21.09
N PHE B 15 -12.45 9.22 -20.32
CA PHE B 15 -12.28 7.80 -19.98
C PHE B 15 -12.83 6.85 -21.02
N THR B 16 -13.52 7.34 -22.04
CA THR B 16 -13.98 6.46 -23.11
C THR B 16 -12.81 5.71 -23.74
N ASP B 17 -12.97 4.40 -23.87
CA ASP B 17 -12.03 3.52 -24.58
C ASP B 17 -10.61 3.67 -24.03
N TYR B 18 -10.50 3.75 -22.71
CA TYR B 18 -9.18 3.71 -22.09
C TYR B 18 -8.53 2.36 -22.31
N SER B 19 -7.21 2.35 -22.28
CA SER B 19 -6.42 1.16 -22.55
C SER B 19 -5.51 0.85 -21.37
N LEU B 20 -4.92 -0.34 -21.42
CA LEU B 20 -4.02 -0.86 -20.38
C LEU B 20 -2.76 -1.42 -21.03
N GLU B 21 -1.66 -1.44 -20.26
CA GLU B 21 -0.43 -2.14 -20.64
C GLU B 21 -0.15 -3.25 -19.63
N ILE B 22 0.17 -4.45 -20.11
CA ILE B 22 0.63 -5.54 -19.24
C ILE B 22 1.96 -6.06 -19.74
N THR B 23 2.66 -6.82 -18.84
CA THR B 23 3.86 -7.58 -19.17
C THR B 23 3.51 -9.06 -19.30
N PRO B 24 4.38 -9.88 -19.90
CA PRO B 24 4.04 -11.31 -20.04
C PRO B 24 3.88 -12.03 -18.72
N LYS B 25 4.29 -11.41 -17.61
CA LYS B 25 4.13 -12.02 -16.31
C LYS B 25 2.77 -11.75 -15.67
N ASP B 26 1.90 -10.96 -16.32
CA ASP B 26 0.66 -10.48 -15.71
C ASP B 26 -0.58 -11.27 -16.13
N VAL B 27 -0.42 -12.48 -16.64
CA VAL B 27 -1.57 -13.19 -17.20
C VAL B 27 -2.54 -13.61 -16.11
N GLU B 28 -2.03 -14.18 -15.01
CA GLU B 28 -2.90 -14.54 -13.91
C GLU B 28 -3.61 -13.31 -13.36
N ALA B 29 -2.90 -12.18 -13.19
CA ALA B 29 -3.54 -10.97 -12.69
C ALA B 29 -4.58 -10.45 -13.68
N LEU B 30 -4.35 -10.66 -14.98
CA LEU B 30 -5.31 -10.26 -16.00
C LEU B 30 -6.59 -11.08 -15.89
N GLU B 31 -6.47 -12.38 -15.61
CA GLU B 31 -7.65 -13.20 -15.40
C GLU B 31 -8.40 -12.76 -14.15
N ASN B 32 -7.67 -12.34 -13.11
CA ASN B 32 -8.34 -11.82 -11.90
C ASN B 32 -9.02 -10.49 -12.17
N ALA B 33 -8.45 -9.67 -13.04
CA ALA B 33 -8.97 -8.33 -13.30
C ALA B 33 -10.02 -8.29 -14.40
N ALA B 34 -10.19 -9.38 -15.15
CA ALA B 34 -10.94 -9.30 -16.41
C ALA B 34 -12.38 -8.84 -16.20
N HIS B 35 -13.00 -9.22 -15.07
CA HIS B 35 -14.39 -8.88 -14.85
C HIS B 35 -14.61 -7.38 -14.75
N MET B 36 -13.61 -6.61 -14.31
CA MET B 36 -13.72 -5.16 -14.25
C MET B 36 -13.38 -4.46 -15.56
N ILE B 37 -12.79 -5.15 -16.52
CA ILE B 37 -12.29 -4.48 -17.72
C ILE B 37 -13.36 -4.50 -18.81
N PRO B 38 -13.74 -3.37 -19.39
CA PRO B 38 -14.78 -3.38 -20.43
C PRO B 38 -14.38 -4.28 -21.58
N PRO B 39 -15.26 -5.17 -22.03
CA PRO B 39 -14.94 -5.96 -23.23
C PRO B 39 -14.50 -5.05 -24.38
N GLY B 40 -13.50 -5.52 -25.12
CA GLY B 40 -12.97 -4.77 -26.25
C GLY B 40 -11.83 -3.82 -25.91
N THR B 41 -11.50 -3.68 -24.63
CA THR B 41 -10.43 -2.78 -24.21
C THR B 41 -9.12 -3.16 -24.88
N LEU B 42 -8.38 -2.17 -25.33
CA LEU B 42 -7.04 -2.42 -25.89
C LEU B 42 -6.07 -2.67 -24.74
N ILE B 43 -5.33 -3.76 -24.81
CA ILE B 43 -4.33 -4.11 -23.80
C ILE B 43 -3.04 -4.42 -24.53
N SER B 44 -1.99 -3.64 -24.26
CA SER B 44 -0.73 -3.87 -24.95
C SER B 44 0.17 -4.82 -24.13
N VAL B 45 1.18 -5.38 -24.81
CA VAL B 45 2.10 -6.33 -24.18
C VAL B 45 3.52 -5.83 -24.42
N THR B 46 4.25 -5.57 -23.34
CA THR B 46 5.60 -5.05 -23.45
C THR B 46 6.52 -6.01 -24.20
N PHE B 47 7.63 -5.45 -24.69
CA PHE B 47 8.69 -6.18 -25.37
C PHE B 47 9.96 -5.73 -24.64
N LEU B 48 10.27 -6.43 -23.57
CA LEU B 48 11.36 -6.09 -22.66
C LEU B 48 12.04 -7.38 -22.22
N PRO B 49 13.26 -7.27 -21.69
CA PRO B 49 13.96 -8.49 -21.24
C PRO B 49 13.16 -9.26 -20.20
N GLY B 50 13.46 -10.55 -20.12
CA GLY B 50 12.84 -11.42 -19.14
C GLY B 50 11.69 -12.25 -19.66
N ALA B 51 11.47 -12.25 -20.98
CA ALA B 51 10.41 -13.02 -21.60
C ALA B 51 10.86 -13.42 -23.00
N GLU B 52 10.35 -14.55 -23.47
CA GLU B 52 10.54 -14.97 -24.85
C GLU B 52 9.26 -14.72 -25.64
N TYR B 53 9.35 -14.93 -26.97
CA TYR B 53 8.17 -14.73 -27.82
C TYR B 53 7.01 -15.60 -27.35
N GLU B 54 7.30 -16.83 -26.92
CA GLU B 54 6.26 -17.72 -26.42
C GLU B 54 5.51 -17.10 -25.25
N ASP B 55 6.23 -16.46 -24.33
CA ASP B 55 5.58 -15.82 -23.19
C ASP B 55 4.77 -14.61 -23.61
N ARG B 56 5.31 -13.83 -24.54
CA ARG B 56 4.59 -12.66 -25.02
C ARG B 56 3.35 -13.10 -25.80
N ALA B 57 3.51 -14.08 -26.69
CA ALA B 57 2.37 -14.54 -27.48
C ALA B 57 1.29 -15.12 -26.58
N ARG B 58 1.69 -15.82 -25.51
CA ARG B 58 0.72 -16.36 -24.57
C ARG B 58 -0.14 -15.27 -23.96
N ALA B 59 0.49 -14.19 -23.49
CA ALA B 59 -0.26 -13.08 -22.93
C ALA B 59 -1.20 -12.47 -23.95
N ALA B 60 -0.71 -12.26 -25.18
CA ALA B 60 -1.56 -11.71 -26.23
C ALA B 60 -2.76 -12.61 -26.47
N LYS B 61 -2.52 -13.92 -26.60
CA LYS B 61 -3.59 -14.90 -26.81
C LYS B 61 -4.64 -14.82 -25.71
N ARG B 62 -4.19 -14.74 -24.46
CA ARG B 62 -5.12 -14.67 -23.33
C ARG B 62 -5.92 -13.38 -23.33
N ILE B 63 -5.28 -12.26 -23.71
CA ILE B 63 -6.01 -11.00 -23.87
C ILE B 63 -7.17 -11.18 -24.82
N GLN B 64 -6.93 -11.81 -25.98
CA GLN B 64 -8.00 -12.01 -26.96
C GLN B 64 -9.06 -12.97 -26.44
N GLU B 65 -8.62 -14.09 -25.85
CA GLU B 65 -9.55 -15.08 -25.33
C GLU B 65 -10.49 -14.46 -24.31
N LEU B 66 -9.99 -13.55 -23.48
CA LEU B 66 -10.79 -12.93 -22.44
C LEU B 66 -11.65 -11.78 -22.95
N GLY B 67 -11.65 -11.54 -24.27
CA GLY B 67 -12.53 -10.56 -24.88
C GLY B 67 -11.96 -9.18 -25.07
N PHE B 68 -10.64 -9.03 -25.03
CA PHE B 68 -9.98 -7.74 -25.19
C PHE B 68 -9.17 -7.75 -26.48
N ARG B 69 -8.63 -6.60 -26.83
CA ARG B 69 -7.88 -6.46 -28.08
C ARG B 69 -6.40 -6.37 -27.76
N PRO B 70 -5.57 -7.34 -28.14
CA PRO B 70 -4.15 -7.27 -27.78
C PRO B 70 -3.35 -6.39 -28.73
N VAL B 71 -2.37 -5.68 -28.16
CA VAL B 71 -1.48 -4.81 -28.93
C VAL B 71 -0.04 -5.16 -28.61
N PRO B 72 0.55 -6.15 -29.28
CA PRO B 72 1.96 -6.48 -29.00
C PRO B 72 2.88 -5.31 -29.30
N HIS B 73 3.74 -4.98 -28.34
CA HIS B 73 4.84 -4.05 -28.61
C HIS B 73 5.90 -4.75 -29.45
N LEU B 74 6.49 -4.00 -30.38
CA LEU B 74 7.69 -4.43 -31.10
C LEU B 74 8.82 -3.43 -30.79
N SER B 75 9.91 -3.94 -30.23
CA SER B 75 11.05 -3.10 -29.84
C SER B 75 12.18 -3.30 -30.87
N ALA B 76 12.36 -2.30 -31.72
CA ALA B 76 13.23 -2.40 -32.91
C ALA B 76 14.66 -2.79 -32.54
N ARG B 77 15.27 -2.09 -31.60
CA ARG B 77 16.68 -2.28 -31.30
C ARG B 77 16.95 -3.55 -30.51
N ARG B 78 15.89 -4.27 -30.11
CA ARG B 78 16.04 -5.56 -29.44
C ARG B 78 15.98 -6.73 -30.41
N LEU B 79 15.72 -6.47 -31.70
CA LEU B 79 15.60 -7.50 -32.71
C LEU B 79 16.91 -7.68 -33.46
N ILE B 80 17.23 -8.92 -33.81
CA ILE B 80 18.43 -9.23 -34.59
C ILE B 80 18.24 -8.90 -36.06
N ASP B 81 17.19 -9.43 -36.67
CA ASP B 81 17.03 -9.27 -38.11
C ASP B 81 15.59 -9.58 -38.46
N GLU B 82 15.29 -9.61 -39.76
CA GLU B 82 13.91 -9.84 -40.17
C GLU B 82 13.45 -11.25 -39.77
N ALA B 83 14.33 -12.24 -39.86
CA ALA B 83 13.96 -13.59 -39.47
C ALA B 83 13.56 -13.64 -38.00
N ASP B 84 14.29 -12.91 -37.16
CA ASP B 84 13.95 -12.84 -35.74
C ASP B 84 12.57 -12.22 -35.53
N LEU B 85 12.31 -11.08 -36.18
CA LEU B 85 11.00 -10.44 -36.05
C LEU B 85 9.90 -11.36 -36.54
N ARG B 86 10.12 -12.05 -37.67
CA ARG B 86 9.09 -12.93 -38.21
C ARG B 86 8.81 -14.10 -37.29
N THR B 87 9.81 -14.59 -36.56
CA THR B 87 9.57 -15.62 -35.55
C THR B 87 8.45 -15.21 -34.60
N TYR B 88 8.46 -13.96 -34.17
CA TYR B 88 7.43 -13.46 -33.26
C TYR B 88 6.12 -13.20 -34.01
N LEU B 89 6.19 -12.52 -35.16
CA LEU B 89 4.98 -12.20 -35.92
C LEU B 89 4.26 -13.47 -36.35
N ASP B 90 5.01 -14.47 -36.82
CA ASP B 90 4.41 -15.74 -37.21
C ASP B 90 3.77 -16.43 -36.02
N MET B 91 4.45 -16.40 -34.87
CA MET B 91 3.86 -16.93 -33.65
C MET B 91 2.57 -16.20 -33.30
N LEU B 92 2.58 -14.86 -33.39
CA LEU B 92 1.41 -14.06 -33.05
C LEU B 92 0.26 -14.35 -34.00
N LYS B 93 0.56 -14.42 -35.30
CA LYS B 93 -0.47 -14.71 -36.30
C LYS B 93 -1.22 -15.98 -35.96
N GLY B 94 -0.55 -16.94 -35.34
CA GLY B 94 -1.18 -18.23 -35.08
C GLY B 94 -2.13 -18.26 -33.91
N VAL B 95 -2.19 -17.21 -33.09
CA VAL B 95 -2.96 -17.26 -31.85
C VAL B 95 -3.82 -16.02 -31.64
N ILE B 96 -3.57 -14.95 -32.39
CA ILE B 96 -4.42 -13.77 -32.30
C ILE B 96 -4.71 -13.27 -33.71
N ASP B 97 -5.74 -12.41 -33.80
CA ASP B 97 -6.03 -11.66 -35.02
C ASP B 97 -5.11 -10.46 -35.04
N LEU B 98 -3.96 -10.62 -35.68
CA LEU B 98 -2.88 -9.64 -35.62
C LEU B 98 -3.22 -8.38 -36.41
N LYS B 99 -3.88 -7.42 -35.76
CA LYS B 99 -4.29 -6.18 -36.40
C LYS B 99 -3.71 -4.92 -35.78
N HIS B 100 -3.33 -4.94 -34.50
CA HIS B 100 -2.77 -3.79 -33.78
C HIS B 100 -1.38 -4.14 -33.28
N VAL B 101 -0.42 -3.25 -33.48
CA VAL B 101 0.88 -3.34 -32.83
C VAL B 101 1.28 -1.94 -32.35
N PHE B 102 2.31 -1.91 -31.52
CA PHE B 102 2.88 -0.68 -31.00
C PHE B 102 4.39 -0.81 -31.18
N VAL B 103 4.99 0.13 -31.90
CA VAL B 103 6.39 -0.01 -32.31
C VAL B 103 7.21 1.09 -31.66
N ILE B 104 8.27 0.69 -30.97
CA ILE B 104 9.21 1.62 -30.37
C ILE B 104 10.62 1.24 -30.79
N ALA B 105 11.55 2.18 -30.61
CA ALA B 105 12.97 1.91 -30.84
C ALA B 105 13.49 0.87 -29.85
N GLY B 106 13.06 0.94 -28.59
CA GLY B 106 13.70 0.18 -27.54
C GLY B 106 14.94 0.91 -27.03
N ASP B 107 15.32 0.62 -25.79
CA ASP B 107 16.58 1.15 -25.26
C ASP B 107 17.45 0.05 -24.65
N PRO B 108 17.89 -0.91 -25.45
CA PRO B 108 18.94 -1.81 -24.98
C PRO B 108 20.24 -1.04 -24.81
N ASN B 109 21.17 -1.65 -24.05
CA ASN B 109 22.49 -1.03 -23.88
C ASN B 109 23.19 -0.86 -25.23
N GLU B 110 23.02 -1.83 -26.14
CA GLU B 110 23.54 -1.74 -27.51
C GLU B 110 22.47 -2.21 -28.48
N PRO B 111 22.21 -1.48 -29.56
CA PRO B 111 21.30 -1.98 -30.60
C PRO B 111 21.78 -3.32 -31.16
N LEU B 112 20.86 -4.27 -31.29
CA LEU B 112 21.24 -5.65 -31.54
C LEU B 112 21.20 -6.07 -33.01
N GLY B 113 20.62 -5.25 -33.90
CA GLY B 113 20.46 -5.72 -35.27
C GLY B 113 20.20 -4.66 -36.31
N ILE B 114 19.28 -4.98 -37.25
CA ILE B 114 19.12 -4.20 -38.47
C ILE B 114 18.19 -3.01 -38.33
N TYR B 115 17.51 -2.84 -37.20
CA TYR B 115 16.52 -1.78 -37.02
C TYR B 115 17.03 -0.80 -35.98
N GLU B 116 17.46 0.39 -36.42
CA GLU B 116 18.06 1.35 -35.49
C GLU B 116 17.02 2.08 -34.64
N ASP B 117 15.75 2.07 -35.07
CA ASP B 117 14.70 2.79 -34.37
C ASP B 117 13.35 2.27 -34.88
N ALA B 118 12.25 2.83 -34.34
CA ALA B 118 10.93 2.37 -34.74
C ALA B 118 10.69 2.58 -36.23
N LEU B 119 11.16 3.71 -36.76
CA LEU B 119 10.98 4.01 -38.18
C LEU B 119 11.57 2.91 -39.04
N ALA B 120 12.78 2.45 -38.71
CA ALA B 120 13.42 1.45 -39.56
C ALA B 120 12.53 0.22 -39.69
N LEU B 121 11.91 -0.20 -38.59
CA LEU B 121 10.99 -1.33 -38.63
C LEU B 121 9.70 -0.97 -39.37
N ILE B 122 9.09 0.16 -39.01
CA ILE B 122 7.80 0.54 -39.61
C ILE B 122 7.94 0.67 -41.12
N ASP B 123 8.97 1.36 -41.57
CA ASP B 123 9.10 1.67 -42.98
C ASP B 123 9.57 0.48 -43.82
N SER B 124 9.93 -0.63 -43.18
CA SER B 124 10.41 -1.81 -43.89
C SER B 124 9.29 -2.53 -44.64
N GLY B 125 8.02 -2.23 -44.34
CA GLY B 125 6.90 -2.85 -45.01
C GLY B 125 6.35 -4.08 -44.33
N ILE B 126 7.04 -4.58 -43.31
CA ILE B 126 6.67 -5.87 -42.74
C ILE B 126 5.32 -5.79 -42.02
N LEU B 127 4.96 -4.64 -41.43
CA LEU B 127 3.66 -4.55 -40.78
C LEU B 127 2.55 -4.73 -41.79
N LYS B 128 2.70 -4.11 -42.97
CA LYS B 128 1.68 -4.26 -44.00
C LYS B 128 1.59 -5.71 -44.46
N GLU B 129 2.74 -6.36 -44.64
CA GLU B 129 2.73 -7.77 -45.05
C GLU B 129 1.87 -8.61 -44.12
N TYR B 130 1.90 -8.31 -42.83
CA TYR B 130 1.17 -9.11 -41.86
C TYR B 130 -0.24 -8.60 -41.62
N GLY B 131 -0.73 -7.64 -42.40
CA GLY B 131 -2.11 -7.25 -42.30
C GLY B 131 -2.42 -6.28 -41.18
N ILE B 132 -1.38 -5.71 -40.58
CA ILE B 132 -1.58 -4.73 -39.51
C ILE B 132 -2.40 -3.56 -40.03
N GLU B 133 -3.42 -3.19 -39.28
CA GLU B 133 -4.27 -2.06 -39.65
C GLU B 133 -4.07 -0.85 -38.75
N HIS B 134 -3.42 -1.02 -37.59
CA HIS B 134 -3.22 0.06 -36.63
C HIS B 134 -1.83 -0.10 -36.02
N CYS B 135 -1.06 0.98 -36.07
CA CYS B 135 0.29 0.98 -35.49
C CYS B 135 0.42 2.14 -34.52
N GLY B 136 0.64 1.83 -33.23
CA GLY B 136 0.92 2.87 -32.27
C GLY B 136 2.39 3.29 -32.29
N ILE B 137 2.63 4.57 -31.96
CA ILE B 137 3.97 5.10 -31.80
C ILE B 137 4.02 5.91 -30.50
N SER B 138 5.23 6.15 -30.02
CA SER B 138 5.46 6.86 -28.78
C SER B 138 5.19 8.35 -28.91
N GLY B 139 5.05 9.01 -27.76
CA GLY B 139 5.12 10.45 -27.68
C GLY B 139 5.59 10.85 -26.30
N TYR B 140 6.32 11.96 -26.23
CA TYR B 140 6.97 12.40 -24.99
C TYR B 140 6.63 13.87 -24.73
N PRO B 141 5.56 14.14 -23.99
CA PRO B 141 5.21 15.55 -23.70
C PRO B 141 6.29 16.30 -22.95
N GLU B 142 7.13 15.61 -22.19
CA GLU B 142 8.23 16.22 -21.44
C GLU B 142 9.60 15.96 -22.06
N GLY B 143 9.65 15.48 -23.30
CA GLY B 143 10.91 15.14 -23.92
C GLY B 143 11.43 13.80 -23.46
N HIS B 144 12.71 13.57 -23.77
CA HIS B 144 13.36 12.27 -23.58
C HIS B 144 14.79 12.54 -23.09
N PRO B 145 15.29 11.75 -22.14
CA PRO B 145 16.64 12.04 -21.60
C PRO B 145 17.74 11.97 -22.64
N ASP B 146 17.62 11.11 -23.64
CA ASP B 146 18.73 10.83 -24.52
C ASP B 146 18.50 11.33 -25.95
N ILE B 147 17.35 11.93 -26.23
CA ILE B 147 16.96 12.29 -27.59
C ILE B 147 16.48 13.75 -27.60
N THR B 148 17.00 14.54 -28.54
CA THR B 148 16.63 15.95 -28.58
C THR B 148 15.14 16.11 -28.92
N ASP B 149 14.57 17.22 -28.45
CA ASP B 149 13.21 17.57 -28.85
C ASP B 149 13.05 17.56 -30.37
N GLU B 150 14.10 17.98 -31.08
CA GLU B 150 14.01 18.05 -32.54
C GLU B 150 13.95 16.66 -33.16
N LYS B 151 14.81 15.75 -32.71
CA LYS B 151 14.77 14.38 -33.23
C LYS B 151 13.46 13.69 -32.88
N LEU B 152 12.92 13.99 -31.69
CA LEU B 152 11.64 13.40 -31.32
C LEU B 152 10.55 13.82 -32.30
N ALA B 153 10.55 15.10 -32.67
CA ALA B 153 9.49 15.61 -33.54
C ALA B 153 9.68 15.12 -34.97
N LYS B 154 10.91 15.11 -35.48
CA LYS B 154 11.16 14.55 -36.80
C LYS B 154 10.74 13.08 -36.84
N ALA B 155 11.12 12.32 -35.80
CA ALA B 155 10.77 10.89 -35.79
C ALA B 155 9.26 10.70 -35.82
N MET B 156 8.52 11.45 -35.00
CA MET B 156 7.05 11.41 -35.05
C MET B 156 6.54 11.66 -36.46
N HIS B 157 7.03 12.72 -37.10
CA HIS B 157 6.52 13.07 -38.42
C HIS B 157 6.88 12.00 -39.45
N ASP B 158 8.11 11.47 -39.37
CA ASP B 158 8.55 10.43 -40.31
C ASP B 158 7.77 9.14 -40.14
N LYS B 159 7.52 8.72 -38.89
CA LYS B 159 6.74 7.50 -38.68
C LYS B 159 5.30 7.70 -39.16
N VAL B 160 4.71 8.85 -38.86
CA VAL B 160 3.36 9.14 -39.36
C VAL B 160 3.35 9.10 -40.87
N ALA B 161 4.34 9.73 -41.50
CA ALA B 161 4.38 9.77 -42.97
C ALA B 161 4.48 8.36 -43.55
N SER B 162 5.31 7.51 -42.94
CA SER B 162 5.51 6.14 -43.44
C SER B 162 4.23 5.31 -43.29
N LEU B 163 3.56 5.42 -42.13
CA LEU B 163 2.30 4.72 -41.93
C LEU B 163 1.23 5.21 -42.91
N LYS B 164 1.18 6.53 -43.13
CA LYS B 164 0.23 7.08 -44.11
C LYS B 164 0.52 6.54 -45.50
N ARG B 165 1.80 6.51 -45.88
CA ARG B 165 2.16 5.97 -47.19
C ARG B 165 1.66 4.54 -47.33
N GLN B 166 1.78 3.75 -46.28
CA GLN B 166 1.40 2.35 -46.32
C GLN B 166 -0.07 2.12 -46.07
N GLY B 167 -0.85 3.17 -45.85
CA GLY B 167 -2.27 2.99 -45.55
C GLY B 167 -2.55 2.29 -44.24
N ILE B 168 -1.73 2.55 -43.22
CA ILE B 168 -1.92 1.97 -41.89
C ILE B 168 -2.28 3.10 -40.94
N ASP B 169 -3.38 2.95 -40.22
CA ASP B 169 -3.79 3.96 -39.24
C ASP B 169 -2.82 3.97 -38.06
N TYR B 170 -2.68 5.15 -37.45
CA TYR B 170 -1.73 5.31 -36.35
C TYR B 170 -2.39 5.98 -35.16
N SER B 171 -1.84 5.69 -33.99
CA SER B 171 -2.19 6.36 -32.75
C SER B 171 -0.90 6.64 -32.02
N ILE B 172 -0.98 7.48 -31.01
CA ILE B 172 0.16 7.84 -30.18
C ILE B 172 -0.18 7.44 -28.76
N MET B 173 0.78 6.81 -28.09
CA MET B 173 0.67 6.52 -26.66
C MET B 173 1.83 7.25 -25.99
N THR B 174 1.52 8.14 -25.05
CA THR B 174 2.56 8.98 -24.49
C THR B 174 3.21 8.32 -23.29
N GLN B 175 4.48 8.69 -23.07
CA GLN B 175 5.17 8.42 -21.82
C GLN B 175 4.34 8.90 -20.63
N PHE B 176 4.36 8.15 -19.53
CA PHE B 176 3.62 8.64 -18.36
C PHE B 176 4.30 9.88 -17.78
N GLY B 177 3.52 10.66 -17.06
CA GLY B 177 4.03 11.88 -16.44
C GLY B 177 3.09 12.27 -15.33
N PHE B 178 3.56 13.19 -14.51
CA PHE B 178 2.86 13.54 -13.28
C PHE B 178 2.31 14.95 -13.29
N ASP B 179 2.28 15.59 -14.46
CA ASP B 179 1.85 16.98 -14.58
C ASP B 179 1.09 17.13 -15.88
N ALA B 180 -0.16 17.60 -15.78
CA ALA B 180 -0.96 17.78 -16.98
C ALA B 180 -0.53 18.97 -17.82
N GLU B 181 0.11 19.98 -17.21
CA GLU B 181 0.45 21.20 -17.95
C GLU B 181 1.33 20.93 -19.18
N PRO B 182 2.45 20.21 -19.08
CA PRO B 182 3.22 19.95 -20.32
C PRO B 182 2.48 19.04 -21.30
N VAL B 183 1.55 18.21 -20.83
CA VAL B 183 0.76 17.37 -21.74
C VAL B 183 -0.17 18.23 -22.59
N LEU B 184 -0.86 19.20 -21.95
CA LEU B 184 -1.77 20.05 -22.70
C LEU B 184 -1.01 20.93 -23.70
N GLU B 185 0.17 21.41 -23.31
CA GLU B 185 0.96 22.23 -24.22
C GLU B 185 1.44 21.42 -25.41
N TRP B 186 1.96 20.22 -25.15
CA TRP B 186 2.47 19.36 -26.23
C TRP B 186 1.35 18.92 -27.17
N LEU B 187 0.18 18.61 -26.62
CA LEU B 187 -0.96 18.26 -27.49
C LEU B 187 -1.31 19.40 -28.43
N LYS B 188 -1.41 20.63 -27.89
CA LYS B 188 -1.73 21.76 -28.77
C LYS B 188 -0.67 21.92 -29.86
N GLN B 189 0.60 21.76 -29.49
CA GLN B 189 1.68 21.94 -30.46
C GLN B 189 1.62 20.90 -31.57
N ILE B 190 1.48 19.62 -31.22
CA ILE B 190 1.58 18.61 -32.28
C ILE B 190 0.33 18.65 -33.16
N ARG B 191 -0.83 18.96 -32.59
CA ARG B 191 -2.00 19.12 -33.43
C ARG B 191 -1.85 20.30 -34.40
N SER B 192 -1.20 21.38 -33.96
CA SER B 192 -1.06 22.53 -34.85
C SER B 192 -0.12 22.23 -36.01
N GLU B 193 0.73 21.21 -35.87
CA GLU B 193 1.60 20.76 -36.96
C GLU B 193 0.97 19.65 -37.79
N GLY B 194 -0.34 19.43 -37.68
CA GLY B 194 -1.01 18.46 -38.50
C GLY B 194 -0.93 17.02 -38.04
N ILE B 195 -0.38 16.75 -36.86
CA ILE B 195 -0.48 15.44 -36.22
C ILE B 195 -1.86 15.35 -35.58
N ASP B 196 -2.80 14.68 -36.25
CA ASP B 196 -4.18 14.66 -35.80
C ASP B 196 -4.66 13.29 -35.32
N GLY B 197 -3.80 12.29 -35.28
CA GLY B 197 -4.23 10.96 -34.90
C GLY B 197 -4.53 10.89 -33.42
N PRO B 198 -5.24 9.84 -33.01
CA PRO B 198 -5.64 9.73 -31.60
C PRO B 198 -4.42 9.66 -30.70
N VAL B 199 -4.47 10.33 -29.57
CA VAL B 199 -3.40 10.28 -28.57
C VAL B 199 -3.96 9.66 -27.30
N ARG B 200 -3.25 8.68 -26.76
CA ARG B 200 -3.57 8.12 -25.46
C ARG B 200 -2.55 8.67 -24.47
N ILE B 201 -3.03 9.43 -23.49
CA ILE B 201 -2.15 10.04 -22.51
C ILE B 201 -1.75 8.98 -21.49
N GLY B 202 -0.45 8.78 -21.31
CA GLY B 202 0.03 7.78 -20.37
C GLY B 202 -0.08 8.26 -18.93
N LEU B 203 -0.64 7.41 -18.08
CA LEU B 203 -0.90 7.70 -16.68
C LEU B 203 -0.34 6.56 -15.85
N ALA B 204 0.45 6.88 -14.83
CA ALA B 204 0.83 5.86 -13.85
C ALA B 204 -0.40 5.49 -13.03
N GLY B 205 -0.72 4.20 -12.98
CA GLY B 205 -1.79 3.73 -12.12
C GLY B 205 -1.42 3.93 -10.66
N PRO B 206 -2.38 3.76 -9.76
CA PRO B 206 -2.08 3.89 -8.32
C PRO B 206 -0.98 2.91 -7.91
N ALA B 207 -0.01 3.40 -7.16
CA ALA B 207 1.07 2.56 -6.69
C ALA B 207 1.72 3.23 -5.49
N SER B 208 2.53 2.46 -4.78
CA SER B 208 3.34 3.05 -3.72
C SER B 208 4.27 4.10 -4.32
N ILE B 209 4.51 5.16 -3.53
CA ILE B 209 5.37 6.25 -3.99
C ILE B 209 6.75 5.73 -4.36
N LYS B 210 7.27 4.77 -3.59
CA LYS B 210 8.58 4.22 -3.90
C LYS B 210 8.57 3.52 -5.27
N THR B 211 7.51 2.76 -5.54
CA THR B 211 7.34 2.13 -6.86
C THR B 211 7.25 3.17 -7.97
N LEU B 212 6.45 4.24 -7.75
CA LEU B 212 6.33 5.30 -8.75
C LEU B 212 7.67 5.99 -9.00
N LEU B 213 8.42 6.29 -7.94
CA LEU B 213 9.70 6.95 -8.13
C LEU B 213 10.72 6.01 -8.80
N ARG B 214 10.63 4.71 -8.52
CA ARG B 214 11.50 3.75 -9.20
C ARG B 214 11.24 3.75 -10.70
N PHE B 215 9.96 3.68 -11.09
CA PHE B 215 9.64 3.64 -12.52
C PHE B 215 9.94 4.97 -13.19
N ALA B 216 9.67 6.09 -12.52
CA ALA B 216 9.98 7.39 -13.12
C ALA B 216 11.49 7.52 -13.37
N ALA B 217 12.31 7.04 -12.43
CA ALA B 217 13.75 7.08 -12.63
C ALA B 217 14.18 6.11 -13.73
N ARG B 218 13.63 4.90 -13.73
CA ARG B 218 14.03 3.93 -14.74
C ARG B 218 13.61 4.36 -16.13
N CYS B 219 12.49 5.08 -16.26
CA CYS B 219 11.97 5.49 -17.55
C CYS B 219 12.33 6.92 -17.91
N GLY B 220 13.16 7.57 -17.09
CA GLY B 220 13.57 8.92 -17.39
C GLY B 220 12.48 9.97 -17.29
N VAL B 221 11.50 9.79 -16.40
CA VAL B 221 10.41 10.74 -16.24
C VAL B 221 10.74 11.67 -15.08
N GLY B 222 10.47 12.96 -15.27
CA GLY B 222 10.85 13.95 -14.30
C GLY B 222 9.90 14.01 -13.11
N THR B 223 10.49 14.31 -11.95
CA THR B 223 9.76 14.47 -10.69
C THR B 223 10.32 15.72 -10.03
N SER B 224 9.91 16.88 -10.54
CA SER B 224 10.37 18.14 -9.97
C SER B 224 9.76 18.34 -8.59
N ALA B 225 10.30 19.31 -7.85
CA ALA B 225 9.79 19.62 -6.52
C ALA B 225 8.30 19.95 -6.56
N LYS B 226 7.88 20.77 -7.54
CA LYS B 226 6.48 21.17 -7.64
C LYS B 226 5.59 19.96 -7.91
N VAL B 227 6.00 19.09 -8.84
CA VAL B 227 5.22 17.90 -9.13
C VAL B 227 5.15 16.99 -7.91
N VAL B 228 6.27 16.82 -7.21
CA VAL B 228 6.30 15.91 -6.07
C VAL B 228 5.31 16.37 -5.00
N LYS B 229 5.19 17.68 -4.80
CA LYS B 229 4.18 18.22 -3.89
C LYS B 229 2.77 17.96 -4.43
N LYS B 230 2.50 18.35 -5.68
CA LYS B 230 1.14 18.28 -6.20
C LYS B 230 0.67 16.85 -6.43
N TYR B 231 1.52 16.00 -7.01
CA TYR B 231 1.08 14.63 -7.29
C TYR B 231 1.08 13.79 -6.03
N GLY B 232 1.98 14.08 -5.09
CA GLY B 232 2.06 13.37 -3.82
C GLY B 232 3.10 12.28 -3.84
N LEU B 233 4.35 12.65 -4.11
CA LEU B 233 5.44 11.70 -4.35
C LEU B 233 6.55 11.84 -3.33
N SER B 234 6.22 12.31 -2.13
CA SER B 234 7.23 12.56 -1.11
C SER B 234 7.57 11.28 -0.35
N ILE B 235 8.85 11.13 -0.01
CA ILE B 235 9.27 9.99 0.80
C ILE B 235 8.71 10.08 2.21
N THR B 236 8.38 11.27 2.68
CA THR B 236 7.81 11.44 4.01
C THR B 236 6.29 11.37 4.01
N SER B 237 5.68 10.99 2.89
CA SER B 237 4.23 10.89 2.83
C SER B 237 3.71 10.00 3.95
N LEU B 238 2.62 10.43 4.58
CA LEU B 238 1.92 9.57 5.52
C LEU B 238 1.13 8.49 4.80
N ILE B 239 0.78 8.73 3.54
CA ILE B 239 -0.01 7.79 2.77
C ILE B 239 0.85 6.72 2.13
N GLY B 240 1.98 7.14 1.54
CA GLY B 240 2.91 6.23 0.91
C GLY B 240 2.53 5.76 -0.47
N SER B 241 1.42 6.24 -1.03
CA SER B 241 0.96 5.89 -2.38
C SER B 241 0.33 7.12 -3.05
N ALA B 242 0.18 7.04 -4.38
CA ALA B 242 -0.42 8.15 -5.12
C ALA B 242 -1.09 7.64 -6.39
N GLY B 243 -2.16 8.31 -6.78
CA GLY B 243 -2.91 7.96 -7.96
C GLY B 243 -2.86 9.08 -8.98
N PRO B 244 -3.34 8.81 -10.20
CA PRO B 244 -3.25 9.80 -11.28
C PRO B 244 -4.39 10.81 -11.32
N ASP B 245 -5.29 10.84 -10.32
CA ASP B 245 -6.37 11.80 -10.34
C ASP B 245 -5.95 13.27 -10.44
N PRO B 246 -4.81 13.73 -9.87
CA PRO B 246 -4.43 15.14 -10.09
C PRO B 246 -4.20 15.49 -11.56
N VAL B 247 -3.60 14.59 -12.33
CA VAL B 247 -3.42 14.87 -13.76
C VAL B 247 -4.78 14.88 -14.46
N ILE B 248 -5.60 13.85 -14.20
CA ILE B 248 -6.93 13.75 -14.80
C ILE B 248 -7.75 15.00 -14.48
N GLU B 249 -7.68 15.44 -13.21
CA GLU B 249 -8.49 16.58 -12.80
C GLU B 249 -8.07 17.86 -13.52
N ASP B 250 -6.79 18.01 -13.85
CA ASP B 250 -6.33 19.18 -14.57
C ASP B 250 -6.62 19.10 -16.07
N LEU B 251 -6.82 17.90 -16.61
CA LEU B 251 -7.05 17.78 -18.05
C LEU B 251 -8.51 18.06 -18.42
N THR B 252 -9.45 17.56 -17.61
CA THR B 252 -10.84 17.50 -18.06
C THR B 252 -11.48 18.86 -18.29
N PRO B 253 -11.17 19.92 -17.53
CA PRO B 253 -11.79 21.22 -17.86
C PRO B 253 -11.08 22.01 -18.95
N VAL B 254 -9.93 21.55 -19.46
CA VAL B 254 -9.15 22.32 -20.43
C VAL B 254 -9.26 21.74 -21.84
N LEU B 255 -9.33 20.40 -21.97
CA LEU B 255 -9.30 19.75 -23.28
C LEU B 255 -10.42 20.25 -24.20
N GLY B 256 -10.03 20.72 -25.38
CA GLY B 256 -10.97 21.10 -26.42
C GLY B 256 -10.46 20.63 -27.76
N PRO B 257 -11.11 21.06 -28.84
CA PRO B 257 -10.67 20.64 -30.18
C PRO B 257 -9.20 20.93 -30.50
N GLU B 258 -8.62 21.99 -29.93
CA GLU B 258 -7.21 22.30 -30.18
C GLU B 258 -6.28 21.23 -29.63
N HIS B 259 -6.76 20.37 -28.73
CA HIS B 259 -5.95 19.26 -28.22
C HIS B 259 -6.17 17.96 -28.98
N GLY B 260 -7.19 17.87 -29.85
CA GLY B 260 -7.41 16.69 -30.66
C GLY B 260 -8.14 15.58 -29.94
N GLN B 261 -8.23 14.43 -30.61
CA GLN B 261 -8.80 13.23 -30.00
C GLN B 261 -7.85 12.70 -28.94
N VAL B 262 -8.32 12.56 -27.69
CA VAL B 262 -7.47 12.06 -26.61
C VAL B 262 -8.23 11.02 -25.80
N HIS B 263 -7.51 9.96 -25.42
CA HIS B 263 -7.99 8.99 -24.45
C HIS B 263 -6.90 8.75 -23.41
N LEU B 264 -7.09 7.76 -22.54
CA LEU B 264 -6.14 7.46 -21.47
C LEU B 264 -5.56 6.07 -21.64
N HIS B 265 -4.32 5.91 -21.20
CA HIS B 265 -3.59 4.65 -21.22
C HIS B 265 -2.94 4.47 -19.86
N PHE B 266 -3.28 3.38 -19.17
CA PHE B 266 -2.86 3.18 -17.79
C PHE B 266 -1.70 2.18 -17.69
N TYR B 267 -0.63 2.58 -17.01
CA TYR B 267 0.49 1.69 -16.70
C TYR B 267 0.30 1.16 -15.31
N PRO B 268 -0.08 -0.09 -15.14
CA PRO B 268 -0.44 -0.66 -13.82
C PRO B 268 0.80 -1.03 -13.01
N PHE B 269 1.60 -0.01 -12.67
CA PHE B 269 2.83 -0.21 -11.91
C PHE B 269 2.56 -0.78 -10.52
N GLY B 270 1.41 -0.48 -9.93
CA GLY B 270 1.00 -0.98 -8.65
C GLY B 270 0.22 -2.27 -8.69
N GLY B 271 0.10 -2.88 -9.86
CA GLY B 271 -0.68 -4.09 -10.03
C GLY B 271 -1.92 -3.90 -10.88
N LEU B 272 -2.22 -4.90 -11.70
CA LEU B 272 -3.31 -4.80 -12.65
C LEU B 272 -4.67 -4.77 -11.96
N VAL B 273 -4.88 -5.64 -10.96
CA VAL B 273 -6.16 -5.65 -10.25
C VAL B 273 -6.36 -4.33 -9.52
N LYS B 274 -5.33 -3.86 -8.81
CA LYS B 274 -5.43 -2.60 -8.10
C LYS B 274 -5.73 -1.44 -9.06
N THR B 275 -5.16 -1.48 -10.26
CA THR B 275 -5.33 -0.37 -11.18
C THR B 275 -6.77 -0.32 -11.71
N ASN B 276 -7.32 -1.47 -12.09
CA ASN B 276 -8.69 -1.50 -12.60
C ASN B 276 -9.69 -1.24 -11.48
N GLU B 277 -9.43 -1.74 -10.27
CA GLU B 277 -10.27 -1.35 -9.14
C GLU B 277 -10.30 0.17 -8.99
N TRP B 278 -9.14 0.81 -9.10
CA TRP B 278 -9.08 2.27 -9.00
C TRP B 278 -9.88 2.93 -10.11
N ILE B 279 -9.79 2.42 -11.34
CA ILE B 279 -10.54 3.00 -12.45
C ILE B 279 -12.04 2.93 -12.19
N VAL B 280 -12.55 1.75 -11.82
CA VAL B 280 -13.98 1.65 -11.57
C VAL B 280 -14.37 2.45 -10.34
N ASN B 281 -13.50 2.48 -9.33
CA ASN B 281 -13.83 3.23 -8.11
C ASN B 281 -13.79 4.72 -8.37
N PHE B 282 -12.87 5.18 -9.21
CA PHE B 282 -12.81 6.60 -9.55
C PHE B 282 -14.00 7.02 -10.38
N LYS B 283 -14.36 6.21 -11.39
CA LYS B 283 -15.53 6.48 -12.21
C LYS B 283 -16.79 6.53 -11.35
N GLY B 284 -16.90 5.63 -10.37
CA GLY B 284 -18.06 5.63 -9.49
C GLY B 284 -18.09 6.86 -8.59
N LYS B 285 -16.96 7.19 -7.96
CA LYS B 285 -16.91 8.36 -7.11
C LYS B 285 -17.23 9.62 -7.90
N GLN B 286 -16.89 9.65 -9.19
CA GLN B 286 -17.19 10.81 -10.02
C GLN B 286 -18.55 10.72 -10.67
N GLY B 287 -19.20 9.56 -10.62
CA GLY B 287 -20.55 9.42 -11.12
C GLY B 287 -20.68 9.16 -12.60
N ILE B 288 -19.74 8.44 -13.20
CA ILE B 288 -19.79 8.16 -14.63
C ILE B 288 -19.59 6.67 -14.92
#